data_8B2E
#
_entry.id   8B2E
#
_cell.length_a   61.521
_cell.length_b   61.521
_cell.length_c   85.188
_cell.angle_alpha   90.000
_cell.angle_beta   90.000
_cell.angle_gamma   120.000
#
_symmetry.space_group_name_H-M   'P 31 2 1'
#
loop_
_entity.id
_entity.type
_entity.pdbx_description
1 polymer Muramidase
2 non-polymer 'CADMIUM ION'
3 water water
#
_entity_poly.entity_id   1
_entity_poly.type   'polypeptide(L)'
_entity_poly.pdbx_seq_one_letter_code
;LVLPGLDALQTRNALAIIAEAKKENVGPHGCQAAITTGLTESSLRILANNAVPPSLQYPHDGLGSDHDSIGIFQQRASIY
KDIRCDMDAACSASQFFKVMKGVSGWQTLDVATLCQRVQKSAYPAAYQKFTALAVGVCKAGGL
;
_entity_poly.pdbx_strand_id   A
#
# COMPACT_ATOMS: atom_id res chain seq x y z
N LEU A 3 14.20 0.88 -8.48
CA LEU A 3 14.33 1.51 -7.13
C LEU A 3 15.04 0.56 -6.20
N PRO A 4 15.84 1.03 -5.22
CA PRO A 4 16.70 0.10 -4.51
C PRO A 4 15.93 -0.95 -3.72
N GLY A 5 16.36 -2.19 -3.87
CA GLY A 5 15.77 -3.31 -3.17
C GLY A 5 14.51 -3.87 -3.80
N LEU A 6 14.07 -3.33 -4.93
CA LEU A 6 12.83 -3.79 -5.60
C LEU A 6 13.15 -4.45 -6.93
N ASP A 7 12.31 -5.39 -7.35
CA ASP A 7 12.36 -5.90 -8.72
C ASP A 7 11.56 -4.99 -9.66
N ALA A 8 11.58 -5.27 -10.97
CA ALA A 8 10.97 -4.38 -11.93
C ALA A 8 9.45 -4.30 -11.79
N LEU A 9 8.79 -5.40 -11.37
CA LEU A 9 7.35 -5.37 -11.20
C LEU A 9 7.00 -4.54 -9.97
N GLN A 10 7.70 -4.78 -8.85
CA GLN A 10 7.49 -3.97 -7.65
C GLN A 10 7.75 -2.51 -7.96
N THR A 11 8.77 -2.25 -8.78
CA THR A 11 9.12 -0.87 -9.12
C THR A 11 7.99 -0.15 -9.84
N ARG A 12 7.33 -0.79 -10.83
CA ARG A 12 6.27 -0.06 -11.50
C ARG A 12 5.18 0.33 -10.52
N ASN A 13 4.86 -0.55 -9.58
CA ASN A 13 3.85 -0.25 -8.59
C ASN A 13 4.31 0.85 -7.62
N ALA A 14 5.56 0.75 -7.14
CA ALA A 14 6.11 1.78 -6.27
C ALA A 14 6.14 3.15 -6.94
N LEU A 15 6.53 3.20 -8.21
CA LEU A 15 6.57 4.49 -8.90
C LEU A 15 5.20 5.14 -8.95
N ALA A 16 4.15 4.35 -9.18
CA ALA A 16 2.80 4.90 -9.19
C ALA A 16 2.40 5.43 -7.80
N ILE A 17 2.78 4.70 -6.75
CA ILE A 17 2.51 5.14 -5.39
C ILE A 17 3.24 6.43 -5.07
N ILE A 18 4.52 6.51 -5.44
CA ILE A 18 5.31 7.70 -5.20
C ILE A 18 4.72 8.91 -5.93
N ALA A 19 4.31 8.71 -7.18
CA ALA A 19 3.71 9.82 -7.91
C ALA A 19 2.42 10.28 -7.24
N GLU A 20 1.63 9.35 -6.72
CA GLU A 20 0.42 9.75 -6.00
C GLU A 20 0.74 10.45 -4.68
N ALA A 21 1.81 10.03 -4.00
CA ALA A 21 2.26 10.70 -2.79
C ALA A 21 2.61 12.15 -3.06
N LYS A 22 3.27 12.40 -4.18
CA LYS A 22 3.57 13.78 -4.58
C LYS A 22 2.31 14.55 -4.89
N LYS A 23 1.38 13.93 -5.60
CA LYS A 23 0.12 14.60 -5.95
C LYS A 23 -0.65 15.00 -4.68
N GLU A 24 -0.67 14.10 -3.70
CA GLU A 24 -1.39 14.32 -2.46
C GLU A 24 -0.59 15.17 -1.46
N ASN A 25 0.66 15.47 -1.77
CA ASN A 25 1.54 16.28 -0.95
C ASN A 25 1.72 15.69 0.43
N VAL A 26 2.05 14.41 0.51
CA VAL A 26 2.24 13.77 1.80
C VAL A 26 3.70 13.62 2.22
N GLY A 27 4.62 14.03 1.39
CA GLY A 27 6.02 14.07 1.75
C GLY A 27 6.67 12.70 1.91
N PRO A 28 7.93 12.70 2.32
CA PRO A 28 8.64 11.46 2.59
C PRO A 28 7.90 10.57 3.58
N HIS A 29 7.35 11.14 4.65
CA HIS A 29 6.76 10.30 5.70
C HIS A 29 5.55 9.55 5.19
N GLY A 30 4.69 10.26 4.46
CA GLY A 30 3.53 9.62 3.88
C GLY A 30 3.88 8.57 2.84
N CYS A 31 4.86 8.90 2.00
CA CYS A 31 5.37 7.92 1.04
C CYS A 31 5.85 6.66 1.74
N GLN A 32 6.61 6.86 2.83
CA GLN A 32 7.13 5.73 3.56
C GLN A 32 6.00 4.86 4.09
N ALA A 33 4.94 5.47 4.60
CA ALA A 33 3.82 4.67 5.12
C ALA A 33 3.19 3.86 3.99
N ALA A 34 2.95 4.46 2.83
CA ALA A 34 2.32 3.71 1.75
C ALA A 34 3.23 2.60 1.22
N ILE A 35 4.53 2.88 1.03
CA ILE A 35 5.44 1.86 0.53
C ILE A 35 5.61 0.74 1.54
N THR A 36 5.75 1.09 2.83
CA THR A 36 5.84 0.07 3.87
C THR A 36 4.61 -0.83 3.81
N THR A 37 3.43 -0.21 3.75
CA THR A 37 2.20 -0.96 3.74
C THR A 37 2.13 -1.88 2.52
N GLY A 38 2.41 -1.33 1.32
CA GLY A 38 2.36 -2.15 0.13
C GLY A 38 3.33 -3.32 0.18
N LEU A 39 4.57 -3.06 0.64
CA LEU A 39 5.53 -4.15 0.78
C LEU A 39 5.01 -5.22 1.73
N THR A 40 4.49 -4.80 2.89
CA THR A 40 4.08 -5.72 3.93
C THR A 40 2.88 -6.56 3.47
N GLU A 41 1.91 -5.92 2.84
CA GLU A 41 0.65 -6.58 2.54
C GLU A 41 0.71 -7.48 1.32
N SER A 42 1.41 -7.04 0.26
CA SER A 42 1.36 -7.72 -1.04
C SER A 42 2.72 -7.89 -1.69
N SER A 43 3.80 -7.48 -1.04
N SER A 43 3.81 -7.48 -1.04
CA SER A 43 5.09 -7.40 -1.73
CA SER A 43 5.11 -7.39 -1.70
C SER A 43 4.98 -6.50 -2.96
C SER A 43 5.08 -6.45 -2.90
N LEU A 44 4.25 -5.39 -2.84
CA LEU A 44 4.08 -4.40 -3.90
C LEU A 44 3.56 -5.04 -5.20
N ARG A 45 2.44 -5.76 -5.08
CA ARG A 45 1.81 -6.44 -6.20
C ARG A 45 0.31 -6.13 -6.19
N ILE A 46 -0.28 -5.86 -7.37
CA ILE A 46 -1.71 -5.71 -7.48
C ILE A 46 -2.31 -7.10 -7.51
N LEU A 47 -2.85 -7.56 -6.38
CA LEU A 47 -3.38 -8.93 -6.26
C LEU A 47 -4.89 -8.94 -6.40
N ALA A 48 -5.40 -9.77 -7.32
CA ALA A 48 -6.81 -10.05 -7.34
C ALA A 48 -7.12 -11.14 -6.30
N ASN A 49 -8.39 -11.55 -6.21
CA ASN A 49 -8.79 -12.52 -5.19
C ASN A 49 -10.06 -13.20 -5.69
N ASN A 50 -10.07 -14.52 -5.78
CA ASN A 50 -11.24 -15.23 -6.26
C ASN A 50 -12.46 -15.04 -5.37
N ALA A 51 -12.25 -14.68 -4.10
CA ALA A 51 -13.37 -14.39 -3.21
C ALA A 51 -14.03 -13.05 -3.53
N VAL A 52 -13.44 -12.27 -4.45
CA VAL A 52 -13.95 -10.98 -4.91
C VAL A 52 -13.98 -11.06 -6.42
N PRO A 53 -14.96 -11.78 -6.99
CA PRO A 53 -14.91 -12.07 -8.42
C PRO A 53 -14.70 -10.87 -9.33
N PRO A 54 -15.28 -9.68 -9.08
CA PRO A 54 -15.04 -8.53 -9.98
C PRO A 54 -13.56 -8.13 -10.05
N SER A 55 -12.76 -8.48 -9.04
CA SER A 55 -11.36 -8.11 -9.05
C SER A 55 -10.61 -8.75 -10.22
N LEU A 56 -11.10 -9.90 -10.68
CA LEU A 56 -10.41 -10.65 -11.73
C LEU A 56 -10.53 -9.94 -13.08
N GLN A 57 -11.44 -8.97 -13.23
CA GLN A 57 -11.63 -8.26 -14.48
C GLN A 57 -10.66 -7.14 -14.70
N TYR A 58 -9.83 -6.85 -13.72
CA TYR A 58 -8.85 -5.78 -13.83
C TYR A 58 -7.46 -6.40 -13.91
N PRO A 59 -6.51 -5.76 -14.60
CA PRO A 59 -5.15 -6.29 -14.64
C PRO A 59 -4.63 -6.57 -13.24
N HIS A 60 -3.98 -7.70 -13.04
CA HIS A 60 -3.40 -8.02 -11.77
C HIS A 60 -2.08 -8.75 -11.96
N ASP A 61 -1.23 -8.60 -10.95
CA ASP A 61 0.10 -9.18 -10.92
C ASP A 61 0.16 -10.59 -10.36
N GLY A 62 -0.90 -10.98 -9.65
CA GLY A 62 -1.00 -12.24 -8.96
C GLY A 62 -2.34 -12.32 -8.25
N LEU A 63 -2.48 -13.39 -7.47
CA LEU A 63 -3.66 -13.65 -6.68
C LEU A 63 -3.30 -13.69 -5.18
N GLY A 64 -4.22 -13.24 -4.37
CA GLY A 64 -4.14 -13.38 -2.93
C GLY A 64 -5.32 -14.16 -2.41
N SER A 65 -5.13 -14.73 -1.22
CA SER A 65 -6.24 -15.47 -0.63
CA SER A 65 -6.01 -15.65 -0.56
C SER A 65 -6.40 -15.14 0.84
N ASP A 66 -6.25 -13.87 1.18
CA ASP A 66 -6.47 -13.37 2.52
C ASP A 66 -7.84 -12.70 2.59
N HIS A 67 -8.80 -13.38 3.20
CA HIS A 67 -10.15 -12.85 3.35
C HIS A 67 -10.64 -12.30 1.99
N ASP A 68 -11.19 -11.10 1.98
CA ASP A 68 -11.64 -10.43 0.78
C ASP A 68 -10.72 -9.25 0.42
N SER A 69 -9.46 -9.33 0.79
CA SER A 69 -8.47 -8.30 0.48
C SER A 69 -8.09 -8.38 -0.99
N ILE A 70 -7.90 -7.19 -1.60
CA ILE A 70 -7.45 -7.05 -2.97
C ILE A 70 -6.49 -5.87 -3.10
N GLY A 71 -5.67 -5.93 -4.13
CA GLY A 71 -4.79 -4.83 -4.48
C GLY A 71 -3.50 -4.79 -3.67
N ILE A 72 -2.70 -3.76 -3.96
CA ILE A 72 -1.39 -3.63 -3.31
C ILE A 72 -1.50 -3.50 -1.80
N PHE A 73 -2.53 -2.79 -1.34
CA PHE A 73 -2.71 -2.49 0.06
C PHE A 73 -3.60 -3.53 0.75
N GLN A 74 -4.05 -4.55 0.01
CA GLN A 74 -4.90 -5.60 0.57
C GLN A 74 -6.10 -4.99 1.29
N GLN A 75 -6.66 -3.95 0.69
CA GLN A 75 -7.92 -3.36 1.13
C GLN A 75 -9.04 -4.38 0.98
N ARG A 76 -9.85 -4.52 2.01
CA ARG A 76 -10.96 -5.48 1.97
C ARG A 76 -12.09 -4.93 1.12
N ALA A 77 -12.55 -5.73 0.16
CA ALA A 77 -13.56 -5.26 -0.79
C ALA A 77 -14.91 -4.97 -0.12
N SER A 78 -15.19 -5.58 1.03
CA SER A 78 -16.40 -5.29 1.78
C SER A 78 -16.37 -3.91 2.41
N ILE A 79 -15.19 -3.31 2.55
CA ILE A 79 -15.00 -2.01 3.18
C ILE A 79 -14.70 -0.98 2.11
N TYR A 80 -13.71 -1.24 1.26
CA TYR A 80 -13.32 -0.40 0.14
C TYR A 80 -14.02 -0.96 -1.08
N LYS A 81 -15.27 -0.49 -1.29
CA LYS A 81 -16.17 -1.14 -2.22
C LYS A 81 -15.92 -0.79 -3.69
N ASP A 82 -15.08 0.22 -3.97
CA ASP A 82 -14.77 0.58 -5.35
C ASP A 82 -13.65 -0.34 -5.84
N ILE A 83 -14.05 -1.48 -6.42
CA ILE A 83 -13.08 -2.52 -6.79
C ILE A 83 -12.08 -1.99 -7.82
N ARG A 84 -12.55 -1.19 -8.79
CA ARG A 84 -11.66 -0.63 -9.79
C ARG A 84 -10.57 0.19 -9.13
N CYS A 85 -10.94 1.04 -8.16
CA CYS A 85 -9.96 1.83 -7.43
C CYS A 85 -8.97 0.95 -6.67
N ASP A 86 -9.51 -0.07 -5.99
CA ASP A 86 -8.69 -0.98 -5.20
C ASP A 86 -7.62 -1.67 -6.06
N MET A 87 -7.95 -1.91 -7.33
CA MET A 87 -7.10 -2.61 -8.27
C MET A 87 -6.18 -1.69 -9.07
N ASP A 88 -6.16 -0.39 -8.77
CA ASP A 88 -5.27 0.54 -9.44
C ASP A 88 -4.21 1.01 -8.44
N ALA A 89 -2.95 1.02 -8.82
CA ALA A 89 -1.90 1.38 -7.88
C ALA A 89 -2.14 2.77 -7.30
N ALA A 90 -2.29 3.78 -8.18
CA ALA A 90 -2.45 5.15 -7.70
C ALA A 90 -3.73 5.35 -6.89
N CYS A 91 -4.85 4.83 -7.41
CA CYS A 91 -6.11 5.06 -6.73
C CYS A 91 -6.15 4.36 -5.36
N SER A 92 -5.61 3.13 -5.28
CA SER A 92 -5.58 2.42 -4.04
C SER A 92 -4.67 3.16 -3.03
N ALA A 93 -3.58 3.73 -3.53
CA ALA A 93 -2.71 4.53 -2.67
C ALA A 93 -3.43 5.76 -2.18
N SER A 94 -4.20 6.42 -3.05
CA SER A 94 -4.98 7.57 -2.65
C SER A 94 -5.93 7.20 -1.51
N GLN A 95 -6.60 6.05 -1.59
CA GLN A 95 -7.48 5.61 -0.52
C GLN A 95 -6.72 5.49 0.81
N PHE A 96 -5.52 4.88 0.75
CA PHE A 96 -4.65 4.81 1.92
C PHE A 96 -4.33 6.19 2.46
N PHE A 97 -3.88 7.09 1.58
CA PHE A 97 -3.48 8.43 2.02
C PHE A 97 -4.62 9.21 2.65
N LYS A 98 -5.84 9.07 2.12
CA LYS A 98 -6.95 9.82 2.66
C LYS A 98 -7.27 9.37 4.08
N VAL A 99 -7.21 8.07 4.36
CA VAL A 99 -7.40 7.61 5.73
C VAL A 99 -6.23 8.06 6.61
N MET A 100 -5.01 7.90 6.12
CA MET A 100 -3.80 8.30 6.81
C MET A 100 -3.91 9.74 7.31
N LYS A 101 -4.38 10.64 6.45
CA LYS A 101 -4.45 12.04 6.79
C LYS A 101 -5.47 12.33 7.89
N GLY A 102 -6.36 11.39 8.18
CA GLY A 102 -7.25 11.53 9.32
C GLY A 102 -6.64 11.17 10.66
N VAL A 103 -5.41 10.67 10.66
CA VAL A 103 -4.73 10.32 11.91
C VAL A 103 -4.03 11.57 12.44
N SER A 104 -4.41 12.02 13.63
CA SER A 104 -3.81 13.20 14.19
C SER A 104 -2.31 12.99 14.41
N GLY A 105 -1.49 13.89 13.87
CA GLY A 105 -0.06 13.79 14.01
C GLY A 105 0.58 12.77 13.06
N TRP A 106 -0.11 12.39 11.99
CA TRP A 106 0.44 11.39 11.08
C TRP A 106 1.83 11.76 10.55
N GLN A 107 2.11 13.06 10.39
CA GLN A 107 3.32 13.51 9.75
C GLN A 107 4.57 13.11 10.50
N THR A 108 4.47 12.84 11.80
CA THR A 108 5.58 12.42 12.62
C THR A 108 5.38 11.11 13.33
N LEU A 109 4.20 10.47 13.18
CA LEU A 109 3.91 9.23 13.88
C LEU A 109 4.81 8.12 13.34
N ASP A 110 5.40 7.32 14.23
CA ASP A 110 6.16 6.14 13.86
C ASP A 110 5.50 5.46 12.66
N VAL A 111 6.28 5.22 11.60
CA VAL A 111 5.68 4.76 10.36
C VAL A 111 4.96 3.44 10.52
N ALA A 112 5.56 2.45 11.17
CA ALA A 112 4.88 1.18 11.32
C ALA A 112 3.55 1.31 12.05
N THR A 113 3.53 2.17 13.11
CA THR A 113 2.33 2.48 13.85
C THR A 113 1.27 3.11 12.93
N LEU A 114 1.69 4.10 12.15
CA LEU A 114 0.77 4.77 11.23
C LEU A 114 0.13 3.78 10.25
N CYS A 115 0.94 2.86 9.71
CA CYS A 115 0.43 1.83 8.82
C CYS A 115 -0.70 1.07 9.52
N GLN A 116 -0.44 0.67 10.75
CA GLN A 116 -1.47 -0.06 11.53
C GLN A 116 -2.71 0.79 11.83
N ARG A 117 -2.56 2.06 12.12
CA ARG A 117 -3.73 2.92 12.36
C ARG A 117 -4.64 2.84 11.10
N VAL A 118 -4.05 2.88 9.92
CA VAL A 118 -4.83 2.88 8.69
C VAL A 118 -5.41 1.50 8.43
N GLN A 119 -4.59 0.46 8.54
CA GLN A 119 -4.92 -0.87 8.04
C GLN A 119 -5.71 -1.73 9.00
N LYS A 120 -5.62 -1.49 10.29
CA LYS A 120 -6.26 -2.38 11.29
C LYS A 120 -5.89 -3.87 11.04
N SER A 121 -4.61 -4.17 10.87
CA SER A 121 -4.12 -5.51 10.63
C SER A 121 -4.27 -6.38 11.87
N ALA A 122 -4.36 -7.69 11.64
CA ALA A 122 -4.21 -8.68 12.68
C ALA A 122 -2.76 -8.85 13.13
N TYR A 123 -1.81 -8.35 12.35
N TYR A 123 -1.78 -8.44 12.34
CA TYR A 123 -0.39 -8.62 12.52
CA TYR A 123 -0.37 -8.65 12.68
C TYR A 123 0.40 -7.32 12.48
C TYR A 123 0.39 -7.34 12.50
N PRO A 124 0.15 -6.35 13.38
CA PRO A 124 0.76 -5.03 13.27
C PRO A 124 2.29 -5.03 13.30
N ALA A 125 2.93 -6.01 13.95
CA ALA A 125 4.40 -6.00 14.00
C ALA A 125 5.02 -6.21 12.60
N ALA A 126 4.27 -6.72 11.64
CA ALA A 126 4.76 -7.04 10.33
C ALA A 126 5.30 -5.84 9.58
N TYR A 127 4.72 -4.66 9.80
CA TYR A 127 5.13 -3.47 9.06
C TYR A 127 6.56 -3.07 9.37
N GLN A 128 7.04 -3.38 10.59
CA GLN A 128 8.37 -3.00 10.98
C GLN A 128 9.45 -3.61 10.10
N LYS A 129 9.13 -4.73 9.47
CA LYS A 129 10.13 -5.41 8.64
CA LYS A 129 10.09 -5.42 8.61
C LYS A 129 10.51 -4.58 7.42
N PHE A 130 9.66 -3.63 6.98
CA PHE A 130 9.84 -2.98 5.69
C PHE A 130 10.03 -1.48 5.77
N THR A 131 10.01 -0.90 6.97
CA THR A 131 10.13 0.55 7.08
C THR A 131 11.49 1.06 6.59
N ALA A 132 12.58 0.33 6.87
CA ALA A 132 13.87 0.83 6.44
C ALA A 132 13.99 0.86 4.92
N LEU A 133 13.54 -0.22 4.29
CA LEU A 133 13.55 -0.27 2.83
C LEU A 133 12.68 0.86 2.26
N ALA A 134 11.52 1.12 2.88
CA ALA A 134 10.65 2.16 2.39
C ALA A 134 11.33 3.53 2.37
N VAL A 135 12.14 3.84 3.40
CA VAL A 135 12.87 5.12 3.39
C VAL A 135 13.66 5.25 2.11
N GLY A 136 14.40 4.20 1.77
CA GLY A 136 15.27 4.25 0.60
C GLY A 136 14.54 4.29 -0.72
N VAL A 137 13.43 3.52 -0.83
CA VAL A 137 12.61 3.55 -2.02
C VAL A 137 12.09 4.96 -2.26
N CYS A 138 11.51 5.55 -1.20
CA CYS A 138 10.94 6.87 -1.33
C CYS A 138 12.01 7.92 -1.65
N LYS A 139 13.19 7.83 -1.02
CA LYS A 139 14.28 8.75 -1.34
C LYS A 139 14.64 8.67 -2.82
N ALA A 140 14.79 7.44 -3.32
CA ALA A 140 15.17 7.26 -4.70
C ALA A 140 14.11 7.83 -5.65
N GLY A 141 12.86 7.82 -5.23
CA GLY A 141 11.78 8.35 -6.03
C GLY A 141 11.52 9.84 -5.88
N GLY A 142 12.35 10.56 -5.08
CA GLY A 142 12.24 12.00 -4.92
C GLY A 142 11.51 12.44 -3.65
N LEU A 143 11.18 11.52 -2.75
CA LEU A 143 10.58 11.79 -1.44
C LEU A 143 11.48 11.18 -0.36
#